data_9FVI
#
_entry.id   9FVI
#
_cell.length_a   82.161
_cell.length_b   112.206
_cell.length_c   62.350
_cell.angle_alpha   90.00
_cell.angle_beta   90.00
_cell.angle_gamma   90.00
#
_symmetry.space_group_name_H-M   'C 2 2 21'
#
loop_
_entity.id
_entity.type
_entity.pdbx_description
1 polymer '14-3-3 protein sigma'
2 polymer 'Microtubule-associated protein tau'
3 non-polymer 1-(3-bromanyl-4-methyl-phenyl)-2-(3-methylphenyl)imidazole
4 water water
#
loop_
_entity_poly.entity_id
_entity_poly.type
_entity_poly.pdbx_seq_one_letter_code
_entity_poly.pdbx_strand_id
1 'polypeptide(L)'
;GAMGSMERASLIQKAKLAEQAERYEDMAAFMKGAVEKGEELS(CSO)EERNLLSVAYKNVVGGQRAAWRVLSSIEQKSNE
EGSEEKGPEVREYREKVETELQGVCDTVLGLLDSHLIKEAGDAESRVFYLKMKGDYYRYLAEVATGDDKKRIIDSARSAY
QEAMDISKKEMPPTNPIRLGLALNFSVFHYEIANSPEEAISLAKTTFDEAMADLHTLSEDSYKDSTLIMQLLRDNLTLWT
;
A
2 'polypeptide(L)' SRTP(SEP)LPTPPTRE P
#
# COMPACT_ATOMS: atom_id res chain seq x y z
N GLY A 1 -10.19 18.69 11.63
CA GLY A 1 -11.18 18.42 10.60
C GLY A 1 -12.56 18.11 11.17
N ALA A 2 -13.38 17.40 10.38
CA ALA A 2 -14.76 17.13 10.74
C ALA A 2 -14.89 16.11 11.89
N MET A 3 -13.79 15.39 12.19
CA MET A 3 -13.79 14.47 13.32
C MET A 3 -13.12 15.08 14.54
N GLY A 4 -12.87 16.39 14.47
CA GLY A 4 -12.16 17.09 15.52
C GLY A 4 -12.83 17.05 16.89
N SER A 5 -14.16 16.91 16.90
CA SER A 5 -14.89 16.90 18.16
C SER A 5 -15.05 15.52 18.77
N MET A 6 -14.65 14.46 18.06
CA MET A 6 -14.81 13.11 18.59
C MET A 6 -13.53 12.65 19.28
N GLU A 7 -13.69 11.97 20.42
CA GLU A 7 -12.56 11.36 21.12
C GLU A 7 -11.76 10.40 20.25
N ARG A 8 -10.43 10.41 20.43
CA ARG A 8 -9.57 9.48 19.71
C ARG A 8 -10.05 8.04 19.88
N ALA A 9 -10.31 7.61 21.12
CA ALA A 9 -10.72 6.23 21.37
C ALA A 9 -12.03 5.90 20.67
N SER A 10 -12.95 6.87 20.58
CA SER A 10 -14.22 6.68 19.91
C SER A 10 -14.03 6.54 18.40
N LEU A 11 -13.12 7.33 17.83
CA LEU A 11 -12.79 7.20 16.42
C LEU A 11 -12.27 5.81 16.09
N ILE A 12 -11.38 5.28 16.93
CA ILE A 12 -10.82 3.96 16.70
C ILE A 12 -11.91 2.90 16.82
N GLN A 13 -12.76 3.03 17.85
CA GLN A 13 -13.86 2.10 18.02
C GLN A 13 -14.81 2.12 16.82
N LYS A 14 -15.11 3.32 16.31
CA LYS A 14 -15.99 3.44 15.16
C LYS A 14 -15.34 2.94 13.88
N ALA A 15 -14.02 3.10 13.75
CA ALA A 15 -13.33 2.50 12.62
C ALA A 15 -13.50 0.98 12.63
N LYS A 16 -13.38 0.36 13.80
CA LYS A 16 -13.59 -1.08 13.89
C LYS A 16 -15.01 -1.49 13.51
N LEU A 17 -16.01 -0.72 13.98
CA LEU A 17 -17.40 -0.96 13.62
C LEU A 17 -17.61 -0.80 12.11
N ALA A 18 -17.01 0.25 11.54
CA ALA A 18 -17.15 0.51 10.11
C ALA A 18 -16.55 -0.64 9.30
N GLU A 19 -15.42 -1.19 9.74
CA GLU A 19 -14.85 -2.37 9.10
C GLU A 19 -15.85 -3.53 9.09
N GLN A 20 -16.46 -3.81 10.24
CA GLN A 20 -17.42 -4.92 10.32
C GLN A 20 -18.62 -4.68 9.41
N ALA A 21 -19.01 -3.41 9.27
CA ALA A 21 -20.15 -3.02 8.45
C ALA A 21 -19.79 -2.86 6.96
N GLU A 22 -18.52 -3.12 6.61
CA GLU A 22 -17.98 -2.88 5.27
C GLU A 22 -18.21 -1.47 4.75
N ARG A 23 -18.11 -0.50 5.66
CA ARG A 23 -18.27 0.91 5.38
C ARG A 23 -16.87 1.53 5.36
N TYR A 24 -16.13 1.28 4.27
CA TYR A 24 -14.73 1.67 4.25
C TYR A 24 -14.45 3.16 4.10
N GLU A 25 -15.33 3.90 3.43
CA GLU A 25 -15.19 5.35 3.38
C GLU A 25 -15.31 5.91 4.80
N ASP A 26 -16.32 5.48 5.55
CA ASP A 26 -16.43 5.88 6.95
C ASP A 26 -15.19 5.50 7.75
N MET A 27 -14.73 4.26 7.54
CA MET A 27 -13.56 3.76 8.27
C MET A 27 -12.37 4.67 8.05
N ALA A 28 -12.14 5.04 6.78
CA ALA A 28 -11.03 5.91 6.44
C ALA A 28 -11.16 7.29 7.08
N ALA A 29 -12.38 7.84 7.09
CA ALA A 29 -12.62 9.13 7.71
C ALA A 29 -12.37 9.08 9.22
N PHE A 30 -12.80 7.99 9.87
CA PHE A 30 -12.54 7.81 11.29
C PHE A 30 -11.04 7.72 11.55
N MET A 31 -10.33 6.92 10.75
CA MET A 31 -8.89 6.80 10.98
C MET A 31 -8.11 8.07 10.65
N LYS A 32 -8.52 8.81 9.62
CA LYS A 32 -7.96 10.12 9.37
C LYS A 32 -8.13 11.02 10.60
N GLY A 33 -9.34 11.05 11.15
CA GLY A 33 -9.60 11.77 12.37
C GLY A 33 -8.66 11.37 13.50
N ALA A 34 -8.47 10.06 13.66
CA ALA A 34 -7.58 9.55 14.70
C ALA A 34 -6.14 10.02 14.50
N VAL A 35 -5.65 9.92 13.28
CA VAL A 35 -4.30 10.38 12.97
C VAL A 35 -4.17 11.86 13.31
N GLU A 36 -5.18 12.65 12.93
CA GLU A 36 -5.13 14.09 13.14
C GLU A 36 -5.16 14.49 14.62
N LYS A 37 -5.39 13.54 15.53
CA LYS A 37 -5.25 13.84 16.95
C LYS A 37 -3.80 14.10 17.35
N GLY A 38 -2.86 13.66 16.50
CA GLY A 38 -1.46 14.04 16.64
C GLY A 38 -0.60 13.03 17.40
N GLU A 39 -1.22 12.01 18.00
CA GLU A 39 -0.50 10.95 18.66
C GLU A 39 -0.05 9.87 17.66
N GLU A 40 1.03 9.19 18.03
CA GLU A 40 1.50 8.04 17.26
C GLU A 40 0.41 6.96 17.28
N LEU A 41 0.44 6.10 16.26
CA LEU A 41 -0.49 4.99 16.14
C LEU A 41 0.18 3.70 16.61
N SER A 42 -0.59 2.89 17.29
CA SER A 42 -0.17 1.54 17.64
C SER A 42 -0.15 0.63 16.43
N GLU A 44 -2.00 -2.12 15.91
CA GLU A 44 -3.38 -2.37 15.49
C GLU A 44 -3.98 -1.16 14.77
N GLU A 45 -3.70 0.04 15.26
CA GLU A 45 -4.25 1.25 14.66
C GLU A 45 -3.65 1.49 13.26
N ARG A 46 -2.35 1.23 13.08
CA ARG A 46 -1.75 1.30 11.76
C ARG A 46 -2.46 0.36 10.79
N ASN A 47 -2.75 -0.86 11.24
CA ASN A 47 -3.46 -1.81 10.40
C ASN A 47 -4.86 -1.29 10.02
N LEU A 48 -5.57 -0.67 10.96
CA LEU A 48 -6.88 -0.12 10.64
C LEU A 48 -6.78 0.98 9.58
N LEU A 49 -5.79 1.86 9.72
CA LEU A 49 -5.58 2.92 8.75
C LEU A 49 -5.35 2.33 7.37
N SER A 50 -4.47 1.34 7.32
CA SER A 50 -4.13 0.68 6.06
C SER A 50 -5.31 -0.02 5.40
N VAL A 51 -6.08 -0.79 6.18
CA VAL A 51 -7.24 -1.49 5.64
C VAL A 51 -8.26 -0.50 5.07
N ALA A 52 -8.48 0.58 5.80
CA ALA A 52 -9.50 1.52 5.39
C ALA A 52 -9.16 2.11 4.03
N TYR A 53 -7.97 2.68 3.91
CA TYR A 53 -7.60 3.37 2.69
C TYR A 53 -7.35 2.38 1.54
N LYS A 54 -6.89 1.17 1.82
CA LYS A 54 -6.67 0.20 0.74
C LYS A 54 -8.01 -0.16 0.11
N ASN A 55 -9.04 -0.34 0.91
CA ASN A 55 -10.37 -0.61 0.38
C ASN A 55 -10.93 0.58 -0.40
N VAL A 56 -10.76 1.80 0.11
CA VAL A 56 -11.27 2.96 -0.62
C VAL A 56 -10.58 3.09 -1.97
N VAL A 57 -9.24 3.12 -1.97
CA VAL A 57 -8.52 3.35 -3.20
C VAL A 57 -8.66 2.11 -4.08
N GLY A 58 -8.84 0.92 -3.49
CA GLY A 58 -9.02 -0.28 -4.27
C GLY A 58 -10.26 -0.20 -5.17
N GLY A 59 -11.37 0.27 -4.61
CA GLY A 59 -12.59 0.47 -5.37
C GLY A 59 -12.38 1.48 -6.50
N GLN A 60 -11.68 2.57 -6.17
CA GLN A 60 -11.43 3.61 -7.15
C GLN A 60 -10.56 3.10 -8.29
N ARG A 61 -9.52 2.33 -7.96
CA ARG A 61 -8.63 1.81 -8.98
C ARG A 61 -9.36 0.82 -9.89
N ALA A 62 -10.19 -0.03 -9.31
CA ALA A 62 -10.96 -0.99 -10.09
C ALA A 62 -11.89 -0.26 -11.05
N ALA A 63 -12.52 0.82 -10.58
CA ALA A 63 -13.38 1.63 -11.44
C ALA A 63 -12.60 2.32 -12.55
N TRP A 64 -11.48 2.95 -12.20
CA TRP A 64 -10.60 3.57 -13.16
C TRP A 64 -10.18 2.62 -14.27
N ARG A 65 -9.85 1.36 -13.91
N ARG A 65 -9.82 1.39 -13.90
CA ARG A 65 -9.40 0.37 -14.90
CA ARG A 65 -9.41 0.39 -14.88
C ARG A 65 -10.52 -0.08 -15.84
C ARG A 65 -10.54 0.14 -15.87
N VAL A 66 -11.75 -0.11 -15.34
CA VAL A 66 -12.90 -0.43 -16.16
C VAL A 66 -13.10 0.71 -17.15
N LEU A 67 -13.08 1.94 -16.64
CA LEU A 67 -13.36 3.10 -17.47
C LEU A 67 -12.25 3.34 -18.49
N SER A 68 -10.99 3.20 -18.06
CA SER A 68 -9.86 3.36 -18.97
C SER A 68 -9.92 2.37 -20.12
N SER A 69 -10.32 1.14 -19.81
CA SER A 69 -10.44 0.10 -20.81
C SER A 69 -11.51 0.48 -21.83
N ILE A 70 -12.66 0.95 -21.34
CA ILE A 70 -13.74 1.38 -22.23
C ILE A 70 -13.29 2.53 -23.12
N GLU A 71 -12.54 3.48 -22.52
CA GLU A 71 -12.04 4.65 -23.21
C GLU A 71 -11.08 4.25 -24.32
N GLN A 72 -10.20 3.29 -24.03
CA GLN A 72 -9.23 2.81 -25.01
C GLN A 72 -9.92 2.12 -26.17
N LYS A 73 -10.85 1.20 -25.87
CA LYS A 73 -11.65 0.57 -26.91
C LYS A 73 -12.31 1.58 -27.82
N SER A 74 -12.87 2.65 -27.25
CA SER A 74 -13.59 3.66 -28.02
C SER A 74 -12.69 4.53 -28.91
N ASN A 75 -11.36 4.43 -28.76
CA ASN A 75 -10.42 5.23 -29.52
C ASN A 75 -9.73 4.46 -30.67
N LYS A 82 -18.58 8.74 -31.07
CA LYS A 82 -18.53 8.70 -29.62
C LYS A 82 -18.10 10.07 -29.07
N GLY A 83 -18.68 10.45 -27.93
CA GLY A 83 -18.51 11.79 -27.36
C GLY A 83 -17.61 11.85 -26.12
N PRO A 84 -17.64 12.95 -25.35
CA PRO A 84 -16.68 13.16 -24.27
C PRO A 84 -16.96 12.40 -22.97
N GLU A 85 -18.05 11.65 -22.89
CA GLU A 85 -18.54 11.17 -21.60
C GLU A 85 -17.62 10.17 -20.91
N VAL A 86 -17.08 9.18 -21.65
CA VAL A 86 -16.23 8.17 -21.03
C VAL A 86 -14.98 8.87 -20.50
N ARG A 87 -14.35 9.72 -21.32
CA ARG A 87 -13.16 10.43 -20.87
C ARG A 87 -13.46 11.30 -19.66
N GLU A 88 -14.60 12.02 -19.67
CA GLU A 88 -14.96 12.90 -18.57
C GLU A 88 -15.10 12.10 -17.28
N TYR A 89 -15.76 10.95 -17.37
CA TYR A 89 -16.06 10.19 -16.18
C TYR A 89 -14.81 9.49 -15.66
N ARG A 90 -13.98 8.97 -16.58
CA ARG A 90 -12.67 8.46 -16.19
C ARG A 90 -11.86 9.54 -15.48
N GLU A 91 -11.84 10.76 -16.02
CA GLU A 91 -11.16 11.87 -15.38
C GLU A 91 -11.71 12.17 -13.98
N LYS A 92 -13.03 12.08 -13.81
CA LYS A 92 -13.65 12.32 -12.51
C LYS A 92 -13.17 11.31 -11.48
N VAL A 93 -13.23 10.03 -11.85
CA VAL A 93 -12.76 8.97 -10.97
C VAL A 93 -11.27 9.14 -10.68
N GLU A 94 -10.49 9.46 -11.72
CA GLU A 94 -9.06 9.70 -11.56
C GLU A 94 -8.75 10.79 -10.55
N THR A 95 -9.45 11.93 -10.65
CA THR A 95 -9.26 13.04 -9.74
C THR A 95 -9.60 12.63 -8.31
N GLU A 96 -10.65 11.85 -8.13
CA GLU A 96 -11.09 11.43 -6.81
C GLU A 96 -10.03 10.52 -6.20
N LEU A 97 -9.49 9.61 -7.04
CA LEU A 97 -8.43 8.69 -6.64
C LEU A 97 -7.19 9.47 -6.23
N GLN A 98 -6.79 10.44 -7.06
CA GLN A 98 -5.64 11.27 -6.76
C GLN A 98 -5.86 11.99 -5.43
N GLY A 99 -7.10 12.41 -5.19
CA GLY A 99 -7.38 13.09 -3.94
C GLY A 99 -7.19 12.20 -2.72
N VAL A 100 -7.63 10.94 -2.81
CA VAL A 100 -7.45 10.00 -1.72
C VAL A 100 -5.96 9.73 -1.49
N CYS A 101 -5.21 9.50 -2.58
CA CYS A 101 -3.79 9.28 -2.46
C CYS A 101 -3.12 10.46 -1.79
N ASP A 102 -3.46 11.68 -2.23
CA ASP A 102 -2.89 12.88 -1.64
C ASP A 102 -3.23 13.02 -0.16
N THR A 103 -4.43 12.61 0.24
CA THR A 103 -4.83 12.64 1.64
C THR A 103 -3.95 11.70 2.45
N VAL A 104 -3.78 10.45 1.96
CA VAL A 104 -2.96 9.49 2.69
C VAL A 104 -1.52 9.99 2.78
N LEU A 105 -0.97 10.47 1.65
CA LEU A 105 0.40 10.91 1.62
C LEU A 105 0.57 12.10 2.57
N GLY A 106 -0.48 12.92 2.65
CA GLY A 106 -0.47 14.06 3.56
C GLY A 106 -0.42 13.64 5.02
N LEU A 107 -1.15 12.58 5.38
CA LEU A 107 -1.13 12.06 6.73
C LEU A 107 0.28 11.53 7.04
N LEU A 108 0.89 10.85 6.08
CA LEU A 108 2.21 10.27 6.31
C LEU A 108 3.23 11.39 6.49
N ASP A 109 3.08 12.48 5.74
CA ASP A 109 4.01 13.59 5.81
C ASP A 109 3.73 14.55 6.97
N SER A 110 2.52 14.46 7.53
CA SER A 110 2.10 15.41 8.56
C SER A 110 1.31 14.69 9.64
N HIS A 111 1.97 13.92 10.52
CA HIS A 111 3.41 13.85 10.71
C HIS A 111 3.83 12.43 11.07
N LEU A 112 3.16 11.43 10.48
CA LEU A 112 3.37 10.06 10.90
C LEU A 112 4.80 9.55 10.72
N ILE A 113 5.40 9.80 9.56
CA ILE A 113 6.73 9.29 9.29
C ILE A 113 7.77 9.94 10.19
N LYS A 114 7.71 11.27 10.32
CA LYS A 114 8.75 11.94 11.07
C LYS A 114 8.75 11.56 12.55
N GLU A 115 7.60 11.15 13.11
CA GLU A 115 7.55 10.73 14.50
C GLU A 115 7.76 9.24 14.68
N ALA A 116 7.92 8.49 13.57
CA ALA A 116 8.10 7.04 13.64
C ALA A 116 9.58 6.69 13.79
N GLY A 117 9.96 6.29 14.99
CA GLY A 117 11.34 5.95 15.32
C GLY A 117 11.64 4.46 15.35
N ASP A 118 10.65 3.66 15.70
CA ASP A 118 10.86 2.23 15.70
C ASP A 118 10.80 1.72 14.27
N ALA A 119 11.60 0.69 13.99
CA ALA A 119 11.68 0.13 12.66
C ALA A 119 10.32 -0.31 12.15
N GLU A 120 9.53 -1.01 12.98
CA GLU A 120 8.23 -1.55 12.57
C GLU A 120 7.31 -0.43 12.08
N SER A 121 7.20 0.67 12.84
N SER A 121 7.24 0.66 12.84
CA SER A 121 6.33 1.75 12.45
CA SER A 121 6.37 1.77 12.52
C SER A 121 6.87 2.47 11.21
C SER A 121 6.86 2.50 11.27
N ARG A 122 8.17 2.78 11.21
CA ARG A 122 8.73 3.56 10.12
C ARG A 122 8.67 2.82 8.79
N VAL A 123 9.02 1.52 8.81
CA VAL A 123 8.89 0.70 7.61
C VAL A 123 7.45 0.63 7.14
N PHE A 124 6.51 0.44 8.07
CA PHE A 124 5.09 0.38 7.70
C PHE A 124 4.67 1.64 6.95
N TYR A 125 5.04 2.80 7.48
CA TYR A 125 4.62 4.06 6.88
C TYR A 125 5.32 4.33 5.56
N LEU A 126 6.62 3.98 5.45
CA LEU A 126 7.31 4.17 4.19
C LEU A 126 6.79 3.22 3.11
N LYS A 127 6.43 1.99 3.48
CA LYS A 127 5.75 1.10 2.57
C LYS A 127 4.45 1.71 2.04
N MET A 128 3.65 2.27 2.95
CA MET A 128 2.41 2.93 2.57
C MET A 128 2.71 4.07 1.59
N LYS A 129 3.74 4.85 1.89
CA LYS A 129 4.11 5.97 1.04
C LYS A 129 4.46 5.46 -0.36
N GLY A 130 5.25 4.39 -0.45
CA GLY A 130 5.54 3.77 -1.74
C GLY A 130 4.28 3.33 -2.49
N ASP A 131 3.38 2.66 -1.77
CA ASP A 131 2.15 2.16 -2.36
C ASP A 131 1.29 3.30 -2.92
N TYR A 132 1.15 4.41 -2.18
CA TYR A 132 0.24 5.46 -2.64
C TYR A 132 0.87 6.29 -3.76
N TYR A 133 2.19 6.48 -3.76
CA TYR A 133 2.83 7.02 -4.96
C TYR A 133 2.68 6.04 -6.13
N ARG A 134 2.74 4.73 -5.88
CA ARG A 134 2.53 3.73 -6.93
C ARG A 134 1.13 3.88 -7.56
N TYR A 135 0.10 4.06 -6.72
CA TYR A 135 -1.23 4.27 -7.25
C TYR A 135 -1.31 5.56 -8.07
N LEU A 136 -0.66 6.62 -7.62
CA LEU A 136 -0.57 7.84 -8.42
C LEU A 136 0.13 7.55 -9.75
N ALA A 137 1.17 6.72 -9.75
CA ALA A 137 1.90 6.41 -10.97
C ALA A 137 1.05 5.65 -11.98
N GLU A 138 0.13 4.81 -11.50
CA GLU A 138 -0.73 3.99 -12.34
C GLU A 138 -1.56 4.86 -13.28
N VAL A 139 -1.91 6.08 -12.84
CA VAL A 139 -2.74 6.98 -13.63
C VAL A 139 -2.01 8.20 -14.18
N ALA A 140 -0.71 8.33 -13.92
CA ALA A 140 0.04 9.51 -14.29
C ALA A 140 0.46 9.44 -15.75
N THR A 141 0.41 10.59 -16.43
CA THR A 141 0.76 10.69 -17.83
C THR A 141 1.65 11.91 -18.09
N GLY A 142 2.62 11.72 -18.99
CA GLY A 142 3.55 12.77 -19.38
C GLY A 142 4.34 13.37 -18.22
N ASP A 143 3.79 14.43 -17.63
CA ASP A 143 4.51 15.31 -16.73
C ASP A 143 4.42 14.81 -15.29
N ASP A 144 5.43 15.18 -14.48
CA ASP A 144 5.53 14.72 -13.11
C ASP A 144 5.51 13.20 -12.93
N LYS A 145 5.19 12.45 -13.98
CA LYS A 145 5.10 11.01 -13.90
C LYS A 145 6.43 10.40 -13.44
N LYS A 146 7.54 10.89 -14.00
CA LYS A 146 8.83 10.36 -13.61
C LYS A 146 9.10 10.64 -12.15
N ARG A 147 8.73 11.84 -11.68
CA ARG A 147 8.98 12.25 -10.32
C ARG A 147 8.09 11.39 -9.42
N ILE A 148 6.85 11.11 -9.84
CA ILE A 148 5.98 10.26 -9.03
C ILE A 148 6.58 8.87 -8.86
N ILE A 149 7.03 8.27 -9.97
CA ILE A 149 7.67 6.97 -9.93
C ILE A 149 8.90 6.99 -9.02
N ASP A 150 9.71 8.04 -9.12
CA ASP A 150 10.89 8.10 -8.27
C ASP A 150 10.56 8.29 -6.80
N SER A 151 9.47 8.99 -6.51
CA SER A 151 9.02 9.14 -5.14
C SER A 151 8.59 7.77 -4.58
N ALA A 152 7.88 6.98 -5.38
CA ALA A 152 7.52 5.63 -4.93
C ALA A 152 8.79 4.83 -4.65
N ARG A 153 9.71 4.85 -5.61
CA ARG A 153 10.94 4.08 -5.51
C ARG A 153 11.74 4.44 -4.25
N SER A 154 11.88 5.75 -4.01
CA SER A 154 12.64 6.28 -2.90
C SER A 154 12.05 5.85 -1.56
N ALA A 155 10.72 5.87 -1.48
CA ALA A 155 10.05 5.46 -0.26
C ALA A 155 10.25 3.95 0.00
N TYR A 156 10.00 3.15 -1.03
CA TYR A 156 10.19 1.71 -0.90
C TYR A 156 11.65 1.38 -0.55
N GLN A 157 12.59 2.09 -1.17
CA GLN A 157 14.01 1.81 -0.96
C GLN A 157 14.40 2.09 0.49
N GLU A 158 13.96 3.24 1.04
CA GLU A 158 14.27 3.55 2.44
C GLU A 158 13.66 2.48 3.35
N ALA A 159 12.44 2.06 3.04
CA ALA A 159 11.79 1.02 3.84
C ALA A 159 12.58 -0.28 3.79
N MET A 160 13.08 -0.62 2.60
CA MET A 160 13.85 -1.85 2.41
C MET A 160 15.13 -1.77 3.23
N ASP A 161 15.82 -0.63 3.15
CA ASP A 161 17.09 -0.48 3.85
C ASP A 161 16.90 -0.64 5.36
N ILE A 162 15.86 -0.03 5.92
CA ILE A 162 15.59 -0.20 7.33
C ILE A 162 15.22 -1.64 7.67
N SER A 163 14.33 -2.25 6.87
CA SER A 163 13.84 -3.58 7.17
C SER A 163 14.99 -4.59 7.16
N LYS A 164 15.93 -4.42 6.23
CA LYS A 164 17.05 -5.35 6.14
C LYS A 164 17.95 -5.28 7.35
N LYS A 165 18.14 -4.08 7.91
CA LYS A 165 18.96 -3.86 9.08
C LYS A 165 18.28 -4.26 10.39
N GLU A 166 16.96 -4.06 10.48
CA GLU A 166 16.26 -4.08 11.76
C GLU A 166 15.22 -5.16 11.98
N MET A 167 14.83 -5.88 10.93
CA MET A 167 13.78 -6.87 11.01
C MET A 167 14.24 -8.22 10.51
N PRO A 168 13.74 -9.34 11.08
CA PRO A 168 14.07 -10.66 10.54
C PRO A 168 13.47 -10.79 9.16
N PRO A 169 14.05 -11.66 8.32
CA PRO A 169 13.54 -11.87 6.96
C PRO A 169 12.14 -12.42 6.84
N THR A 170 11.59 -12.96 7.94
CA THR A 170 10.24 -13.46 7.96
C THR A 170 9.19 -12.47 8.46
N ASN A 171 9.63 -11.28 8.88
CA ASN A 171 8.69 -10.31 9.43
C ASN A 171 7.62 -9.99 8.40
N PRO A 172 6.31 -10.11 8.70
CA PRO A 172 5.28 -9.86 7.69
C PRO A 172 5.33 -8.51 6.98
N ILE A 173 5.69 -7.45 7.72
N ILE A 173 5.70 -7.45 7.70
CA ILE A 173 5.82 -6.13 7.12
CA ILE A 173 5.79 -6.14 7.07
C ILE A 173 6.94 -6.15 6.09
C ILE A 173 6.96 -6.13 6.08
N ARG A 174 8.09 -6.72 6.48
CA ARG A 174 9.22 -6.85 5.57
C ARG A 174 8.83 -7.64 4.32
N LEU A 175 8.13 -8.77 4.51
CA LEU A 175 7.65 -9.56 3.39
C LEU A 175 6.67 -8.83 2.47
N GLY A 176 5.68 -8.18 3.08
CA GLY A 176 4.71 -7.42 2.30
C GLY A 176 5.33 -6.25 1.53
N LEU A 177 6.29 -5.58 2.17
CA LEU A 177 7.05 -4.53 1.52
C LEU A 177 7.75 -5.08 0.27
N ALA A 178 8.46 -6.20 0.44
CA ALA A 178 9.15 -6.80 -0.70
C ALA A 178 8.19 -7.18 -1.82
N LEU A 179 7.07 -7.82 -1.48
N LEU A 179 7.05 -7.78 -1.46
CA LEU A 179 6.02 -8.14 -2.45
CA LEU A 179 6.02 -8.15 -2.43
C LEU A 179 5.66 -6.88 -3.24
C LEU A 179 5.49 -6.95 -3.22
N ASN A 180 5.24 -5.83 -2.52
CA ASN A 180 4.74 -4.64 -3.20
C ASN A 180 5.82 -3.90 -3.98
N PHE A 181 7.06 -3.87 -3.46
CA PHE A 181 8.13 -3.25 -4.20
C PHE A 181 8.46 -4.05 -5.46
N SER A 182 8.35 -5.37 -5.38
CA SER A 182 8.54 -6.20 -6.57
C SER A 182 7.44 -5.96 -7.60
N VAL A 183 6.20 -5.78 -7.16
CA VAL A 183 5.13 -5.38 -8.08
C VAL A 183 5.41 -4.01 -8.70
N PHE A 184 5.89 -3.05 -7.91
CA PHE A 184 6.32 -1.75 -8.44
C PHE A 184 7.31 -1.96 -9.59
N HIS A 185 8.35 -2.77 -9.35
CA HIS A 185 9.36 -2.96 -10.38
C HIS A 185 8.75 -3.54 -11.64
N TYR A 186 7.84 -4.52 -11.49
CA TYR A 186 7.28 -5.24 -12.63
C TYR A 186 6.28 -4.37 -13.39
N GLU A 187 5.39 -3.70 -12.65
CA GLU A 187 4.24 -3.05 -13.27
C GLU A 187 4.45 -1.57 -13.59
N ILE A 188 5.31 -0.89 -12.83
CA ILE A 188 5.50 0.55 -12.95
C ILE A 188 6.82 0.92 -13.59
N ALA A 189 7.92 0.30 -13.10
CA ALA A 189 9.26 0.68 -13.48
C ALA A 189 9.77 -0.06 -14.72
N ASN A 190 8.97 -0.96 -15.28
CA ASN A 190 9.38 -1.73 -16.44
C ASN A 190 10.71 -2.45 -16.16
N SER A 191 10.80 -3.05 -14.98
CA SER A 191 12.01 -3.72 -14.52
C SER A 191 11.66 -5.13 -14.05
N PRO A 192 11.16 -6.01 -14.95
CA PRO A 192 10.72 -7.35 -14.54
C PRO A 192 11.82 -8.19 -13.92
N GLU A 193 13.06 -8.01 -14.39
CA GLU A 193 14.14 -8.83 -13.83
C GLU A 193 14.41 -8.44 -12.38
N GLU A 194 14.38 -7.14 -12.08
CA GLU A 194 14.53 -6.67 -10.71
C GLU A 194 13.39 -7.23 -9.84
N ALA A 195 12.17 -7.17 -10.39
CA ALA A 195 11.01 -7.72 -9.70
C ALA A 195 11.20 -9.19 -9.32
N ILE A 196 11.59 -9.99 -10.30
CA ILE A 196 11.82 -11.41 -10.08
C ILE A 196 12.94 -11.67 -9.07
N SER A 197 14.05 -10.94 -9.20
N SER A 197 14.05 -10.93 -9.19
CA SER A 197 15.18 -11.11 -8.30
CA SER A 197 15.18 -11.12 -8.29
C SER A 197 14.74 -10.83 -6.87
C SER A 197 14.84 -10.76 -6.85
N LEU A 198 14.07 -9.69 -6.69
CA LEU A 198 13.64 -9.29 -5.36
C LEU A 198 12.70 -10.32 -4.74
N ALA A 199 11.71 -10.79 -5.51
CA ALA A 199 10.78 -11.78 -4.97
C ALA A 199 11.48 -13.10 -4.60
N LYS A 200 12.43 -13.53 -5.44
N LYS A 200 12.41 -13.55 -5.47
CA LYS A 200 13.11 -14.79 -5.23
CA LYS A 200 13.15 -14.78 -5.24
C LYS A 200 14.04 -14.73 -4.01
C LYS A 200 14.02 -14.71 -4.00
N THR A 201 14.84 -13.66 -3.91
CA THR A 201 15.72 -13.47 -2.78
C THR A 201 14.91 -13.34 -1.49
N THR A 202 13.80 -12.59 -1.54
CA THR A 202 12.98 -12.43 -0.34
C THR A 202 12.44 -13.79 0.10
N PHE A 203 11.94 -14.58 -0.86
CA PHE A 203 11.35 -15.88 -0.57
C PHE A 203 12.39 -16.79 0.08
N ASP A 204 13.58 -16.84 -0.52
CA ASP A 204 14.62 -17.76 -0.07
C ASP A 204 15.13 -17.40 1.32
N GLU A 205 15.31 -16.11 1.59
CA GLU A 205 15.80 -15.66 2.88
C GLU A 205 14.75 -15.93 3.95
N ALA A 206 13.47 -15.75 3.62
CA ALA A 206 12.41 -16.09 4.57
C ALA A 206 12.37 -17.58 4.85
N MET A 207 12.44 -18.41 3.81
CA MET A 207 12.42 -19.87 3.96
C MET A 207 13.43 -20.32 5.01
N ALA A 208 14.63 -19.76 4.91
CA ALA A 208 15.73 -20.14 5.77
C ALA A 208 15.57 -19.71 7.22
N ASP A 209 14.61 -18.82 7.50
CA ASP A 209 14.40 -18.31 8.85
C ASP A 209 13.11 -18.84 9.49
N LEU A 210 12.34 -19.64 8.74
CA LEU A 210 11.06 -20.15 9.23
C LEU A 210 11.24 -21.00 10.49
N HIS A 211 12.40 -21.64 10.63
CA HIS A 211 12.61 -22.55 11.75
C HIS A 211 12.58 -21.85 13.11
N THR A 212 12.74 -20.52 13.11
CA THR A 212 12.80 -19.74 14.33
C THR A 212 11.41 -19.38 14.86
N LEU A 213 10.38 -19.63 14.05
CA LEU A 213 9.06 -19.07 14.30
C LEU A 213 8.16 -20.00 15.10
N SER A 214 7.31 -19.38 15.93
CA SER A 214 6.15 -20.06 16.47
C SER A 214 5.16 -20.45 15.38
N GLU A 215 4.18 -21.28 15.74
CA GLU A 215 3.16 -21.73 14.81
C GLU A 215 2.35 -20.58 14.21
N ASP A 216 1.98 -19.60 15.03
CA ASP A 216 1.21 -18.47 14.55
C ASP A 216 2.00 -17.56 13.60
N SER A 217 3.25 -17.27 13.97
CA SER A 217 4.13 -16.47 13.13
C SER A 217 4.42 -17.19 11.81
N TYR A 218 4.64 -18.50 11.92
CA TYR A 218 4.86 -19.34 10.75
C TYR A 218 3.71 -19.21 9.75
N LYS A 219 2.48 -19.25 10.25
CA LYS A 219 1.31 -19.15 9.41
C LYS A 219 1.30 -17.83 8.64
N ASP A 220 1.56 -16.73 9.33
CA ASP A 220 1.57 -15.43 8.69
C ASP A 220 2.66 -15.29 7.64
N SER A 221 3.88 -15.68 8.00
CA SER A 221 5.01 -15.57 7.08
C SER A 221 4.80 -16.44 5.85
N THR A 222 4.35 -17.69 6.05
CA THR A 222 4.22 -18.58 4.91
C THR A 222 3.09 -18.15 3.98
N LEU A 223 2.06 -17.53 4.54
CA LEU A 223 0.99 -16.97 3.71
C LEU A 223 1.57 -15.97 2.73
N ILE A 224 2.38 -15.04 3.22
CA ILE A 224 2.93 -14.01 2.33
C ILE A 224 3.95 -14.61 1.38
N MET A 225 4.74 -15.58 1.86
CA MET A 225 5.68 -16.26 0.97
C MET A 225 4.95 -16.92 -0.22
N GLN A 226 3.77 -17.48 0.03
CA GLN A 226 2.99 -18.10 -1.04
C GLN A 226 2.55 -17.06 -2.06
N LEU A 227 2.22 -15.84 -1.61
CA LEU A 227 1.91 -14.77 -2.54
C LEU A 227 3.12 -14.35 -3.38
N LEU A 228 4.32 -14.31 -2.78
CA LEU A 228 5.52 -14.08 -3.57
C LEU A 228 5.68 -15.16 -4.63
N ARG A 229 5.52 -16.43 -4.22
CA ARG A 229 5.69 -17.55 -5.14
C ARG A 229 4.65 -17.47 -6.26
N ASP A 230 3.42 -17.06 -5.93
CA ASP A 230 2.38 -16.94 -6.93
C ASP A 230 2.80 -15.94 -8.00
N ASN A 231 3.39 -14.81 -7.57
CA ASN A 231 3.81 -13.80 -8.53
C ASN A 231 4.95 -14.32 -9.38
N LEU A 232 5.94 -14.99 -8.76
CA LEU A 232 7.02 -15.59 -9.51
C LEU A 232 6.51 -16.58 -10.57
N THR A 233 5.47 -17.36 -10.23
CA THR A 233 4.86 -18.28 -11.16
C THR A 233 4.25 -17.56 -12.36
N LEU A 234 3.55 -16.45 -12.08
CA LEU A 234 2.93 -15.66 -13.12
C LEU A 234 3.99 -15.00 -14.02
N TRP A 235 5.15 -14.66 -13.45
CA TRP A 235 6.14 -13.86 -14.15
C TRP A 235 7.16 -14.70 -14.91
N THR A 236 7.18 -16.01 -14.65
CA THR A 236 8.14 -16.92 -15.27
C THR A 236 7.43 -18.13 -15.92
N ARG B 2 -3.16 -6.85 -14.00
CA ARG B 2 -2.07 -6.39 -13.16
C ARG B 2 -1.66 -7.55 -12.24
N THR B 3 -0.37 -7.65 -11.92
CA THR B 3 0.09 -8.59 -10.91
C THR B 3 -0.56 -8.29 -9.56
N PRO B 4 -1.02 -9.31 -8.81
CA PRO B 4 -1.52 -9.07 -7.45
C PRO B 4 -0.48 -8.55 -6.46
N LEU B 6 -0.09 -7.02 -2.21
CA LEU B 6 -0.48 -7.59 -0.94
C LEU B 6 -1.99 -7.37 -0.74
N PRO B 7 -2.76 -8.41 -0.39
CA PRO B 7 -4.17 -8.24 -0.01
C PRO B 7 -4.29 -7.65 1.41
N THR B 8 -5.50 -7.42 1.92
CA THR B 8 -5.64 -7.05 3.33
C THR B 8 -5.27 -8.21 4.28
N PRO B 9 -4.81 -7.93 5.52
CA PRO B 9 -4.43 -9.00 6.47
C PRO B 9 -5.58 -9.96 6.84
#